data_5CRX
#
_entry.id   5CRX
#
_cell.length_a   107.100
_cell.length_b   123.100
_cell.length_c   180.000
_cell.angle_alpha   90.00
_cell.angle_beta   90.00
_cell.angle_gamma   90.00
#
_symmetry.space_group_name_H-M   'C 2 2 21'
#
loop_
_entity.id
_entity.type
_entity.pdbx_description
1 polymer 'DNA (35-MER)'
2 polymer 'PROTEIN (BACTERIOPHAGE P1 CRE GENE)'
3 water water
#
loop_
_entity_poly.entity_id
_entity_poly.type
_entity_poly.pdbx_seq_one_letter_code
_entity_poly.pdbx_strand_id
1 'polydeoxyribonucleotide'
;(DT)(DA)(DT)(DA)(DA)(DC)(DT)(DT)(DC)(DG)(DT)(DA)(DT)(DA)(DG)(DC)(DA)(DT)(DA)(DT)
(DG)(DC)(DT)(DA)(DT)(DA)(DC)(DG)(DA)(DA)(DG)(DT)(DT)(DA)(DT)
;
C,D
2 'polypeptide(L)'
;MSNLLTVHQNLPALPVDATSDEVRKNLMDMFRDRQAFSEHTWKMLLSVCRSWAAWCKLNNRKWFPAEPEDVRDYLLYLQA
RGLAVKTIQQHLGQLNMLHRRSGLPRPSDSNAVSLVMRRIRKENVDAGERAKQALAFERTDFDQVRSLMENSDRCQDIRN
LAFLGIAYNTLLRIAEIARIRVKDISRTDGGRMLIHIGRTKTLVSTAGVEKALSLGVTKLVERWISVSGVADDPNNYLFC
RVRKNGVAAPSATSQLSTRALEGIFEATHRLIYGAKDDSGQRYLAWSGHSARVGAARDMARAGVSIPEIMQAGGWTNVNI
VMNFIRNLDSETGAMVRLLEDGD
;
A,B
#
loop_
_chem_comp.id
_chem_comp.type
_chem_comp.name
_chem_comp.formula
DA DNA linking 2'-DEOXYADENOSINE-5'-MONOPHOSPHATE 'C10 H14 N5 O6 P'
DC DNA linking 2'-DEOXYCYTIDINE-5'-MONOPHOSPHATE 'C9 H14 N3 O7 P'
DG DNA linking 2'-DEOXYGUANOSINE-5'-MONOPHOSPHATE 'C10 H14 N5 O7 P'
DT DNA linking THYMIDINE-5'-MONOPHOSPHATE 'C10 H15 N2 O8 P'
#
# COMPACT_ATOMS: atom_id res chain seq x y z
N THR C 19 4.19 37.56 10.44
CA THR C 19 3.32 37.03 9.39
C THR C 19 3.02 38.07 8.28
N SER C 20 3.30 37.71 7.01
CA SER C 20 3.06 38.65 5.91
C SER C 20 3.26 38.16 4.47
N ASP C 21 4.50 38.16 4.01
CA ASP C 21 4.83 37.73 2.66
C ASP C 21 5.16 36.26 2.63
N GLU C 22 5.62 35.79 3.77
CA GLU C 22 6.00 34.42 3.96
C GLU C 22 4.74 33.58 3.81
N VAL C 23 3.64 34.09 4.33
CA VAL C 23 2.38 33.36 4.24
C VAL C 23 1.89 33.51 2.82
N ARG C 24 2.07 34.70 2.27
CA ARG C 24 1.67 34.97 0.90
C ARG C 24 2.29 33.88 0.07
N LYS C 25 3.61 33.82 0.12
CA LYS C 25 4.32 32.82 -0.65
C LYS C 25 3.83 31.42 -0.32
N ASN C 26 3.61 31.12 0.95
CA ASN C 26 3.14 29.80 1.28
C ASN C 26 1.82 29.49 0.61
N LEU C 27 0.88 30.42 0.68
CA LEU C 27 -0.40 30.20 0.02
C LEU C 27 -0.21 29.97 -1.48
N MET C 28 0.74 30.69 -2.07
CA MET C 28 1.03 30.58 -3.51
C MET C 28 1.54 29.18 -3.90
N ASP C 29 2.27 28.54 -2.98
CA ASP C 29 2.81 27.18 -3.21
C ASP C 29 1.64 26.21 -3.22
N MET C 30 0.73 26.42 -2.25
CA MET C 30 -0.47 25.61 -2.09
C MET C 30 -1.33 25.56 -3.37
N PHE C 31 -1.57 26.72 -3.99
CA PHE C 31 -2.35 26.80 -5.22
C PHE C 31 -1.53 26.22 -6.41
N ARG C 32 -0.21 26.36 -6.34
CA ARG C 32 0.69 25.85 -7.37
C ARG C 32 0.58 24.35 -7.54
N ASP C 33 0.81 23.63 -6.44
CA ASP C 33 0.72 22.18 -6.42
C ASP C 33 -0.56 21.80 -5.73
N ARG C 34 -1.66 22.34 -6.23
CA ARG C 34 -2.97 22.06 -5.67
C ARG C 34 -3.30 20.60 -5.91
N GLN C 35 -2.66 20.02 -6.92
CA GLN C 35 -2.90 18.62 -7.24
C GLN C 35 -2.24 17.67 -6.29
N ALA C 36 -1.86 18.17 -5.12
CA ALA C 36 -1.22 17.31 -4.15
C ALA C 36 -2.30 16.79 -3.20
N PHE C 37 -3.48 17.41 -3.21
CA PHE C 37 -4.59 17.00 -2.36
C PHE C 37 -5.73 16.63 -3.27
N SER C 38 -6.65 15.79 -2.79
CA SER C 38 -7.81 15.42 -3.59
C SER C 38 -8.78 16.57 -3.62
N GLU C 39 -9.64 16.53 -4.63
CA GLU C 39 -10.67 17.54 -4.83
C GLU C 39 -11.59 17.48 -3.63
N HIS C 40 -11.81 16.27 -3.13
CA HIS C 40 -12.70 16.07 -2.00
C HIS C 40 -12.12 16.76 -0.77
N THR C 41 -10.79 16.71 -0.68
CA THR C 41 -10.13 17.34 0.44
C THR C 41 -10.25 18.83 0.33
N TRP C 42 -9.95 19.35 -0.86
CA TRP C 42 -10.03 20.78 -1.08
C TRP C 42 -11.42 21.30 -0.80
N LYS C 43 -12.43 20.54 -1.22
CA LYS C 43 -13.83 20.92 -1.03
C LYS C 43 -14.15 21.03 0.43
N MET C 44 -13.61 20.11 1.21
CA MET C 44 -13.88 20.16 2.63
C MET C 44 -13.14 21.37 3.20
N LEU C 45 -11.89 21.56 2.80
CA LEU C 45 -11.15 22.74 3.28
C LEU C 45 -11.95 24.01 3.01
N LEU C 46 -12.32 24.24 1.76
CA LEU C 46 -13.07 25.44 1.46
C LEU C 46 -14.34 25.52 2.26
N SER C 47 -15.01 24.38 2.42
CA SER C 47 -16.27 24.35 3.13
C SER C 47 -16.12 24.80 4.58
N VAL C 48 -15.10 24.26 5.26
CA VAL C 48 -14.83 24.59 6.66
C VAL C 48 -14.46 26.06 6.85
N CYS C 49 -13.69 26.57 5.90
CA CYS C 49 -13.27 27.96 5.90
C CYS C 49 -14.51 28.80 5.75
N ARG C 50 -15.42 28.34 4.88
CA ARG C 50 -16.67 29.06 4.61
C ARG C 50 -17.50 29.16 5.88
N SER C 51 -17.56 28.07 6.63
CA SER C 51 -18.34 28.06 7.87
C SER C 51 -17.58 28.85 8.94
N TRP C 52 -16.28 28.61 9.02
CA TRP C 52 -15.45 29.28 10.00
C TRP C 52 -15.46 30.77 9.76
N ALA C 53 -15.41 31.16 8.50
CA ALA C 53 -15.40 32.57 8.13
C ALA C 53 -16.69 33.26 8.54
N ALA C 54 -17.81 32.77 8.03
CA ALA C 54 -19.11 33.30 8.40
C ALA C 54 -19.21 33.49 9.91
N TRP C 55 -19.05 32.39 10.64
CA TRP C 55 -19.15 32.45 12.08
C TRP C 55 -18.31 33.58 12.67
N CYS C 56 -17.12 33.78 12.12
CA CYS C 56 -16.22 34.81 12.60
C CYS C 56 -16.78 36.21 12.38
N LYS C 57 -17.33 36.46 11.19
CA LYS C 57 -17.89 37.78 10.87
C LYS C 57 -18.96 38.07 11.91
N LEU C 58 -19.88 37.13 11.99
CA LEU C 58 -20.98 37.21 12.92
C LEU C 58 -20.44 37.57 14.29
N ASN C 59 -19.46 36.79 14.73
CA ASN C 59 -18.84 36.96 16.04
C ASN C 59 -17.69 37.96 16.11
N ASN C 60 -17.61 38.84 15.11
CA ASN C 60 -16.60 39.89 15.03
C ASN C 60 -15.18 39.48 15.45
N ARG C 61 -14.62 38.53 14.71
CA ARG C 61 -13.27 38.04 14.98
C ARG C 61 -12.49 37.87 13.68
N LYS C 62 -11.16 38.04 13.75
CA LYS C 62 -10.31 37.91 12.58
C LYS C 62 -10.27 36.45 12.23
N TRP C 63 -10.65 36.09 11.00
CA TRP C 63 -10.65 34.67 10.67
C TRP C 63 -9.31 34.16 10.22
N PHE C 64 -8.35 35.07 10.08
CA PHE C 64 -7.02 34.68 9.64
C PHE C 64 -5.95 35.74 9.92
N PRO C 65 -4.92 35.38 10.70
CA PRO C 65 -4.73 34.05 11.31
C PRO C 65 -5.73 33.85 12.44
N ALA C 66 -6.19 32.61 12.59
CA ALA C 66 -7.15 32.25 13.63
C ALA C 66 -6.49 32.11 15.01
N GLU C 67 -7.12 32.75 15.99
CA GLU C 67 -6.61 32.72 17.36
C GLU C 67 -7.35 31.72 18.26
N PRO C 68 -6.59 30.92 19.04
CA PRO C 68 -7.05 29.89 19.98
C PRO C 68 -8.41 30.12 20.61
N GLU C 69 -8.49 31.15 21.44
CA GLU C 69 -9.73 31.49 22.12
C GLU C 69 -10.85 31.63 21.11
N ASP C 70 -10.55 32.28 20.00
CA ASP C 70 -11.55 32.49 18.96
C ASP C 70 -12.02 31.13 18.46
N VAL C 71 -11.06 30.30 18.03
CA VAL C 71 -11.36 28.96 17.55
C VAL C 71 -12.18 28.24 18.59
N ARG C 72 -11.56 27.98 19.74
CA ARG C 72 -12.19 27.32 20.85
C ARG C 72 -13.68 27.68 20.83
N ASP C 73 -13.97 28.98 20.92
CA ASP C 73 -15.37 29.46 20.90
C ASP C 73 -16.13 28.83 19.73
N TYR C 74 -15.51 28.89 18.55
CA TYR C 74 -16.07 28.33 17.34
C TYR C 74 -16.46 26.89 17.54
N LEU C 75 -15.55 26.12 18.12
CA LEU C 75 -15.79 24.72 18.37
C LEU C 75 -16.96 24.47 19.32
N LEU C 76 -16.99 25.18 20.44
CA LEU C 76 -18.08 24.97 21.38
C LEU C 76 -19.41 25.32 20.72
N TYR C 77 -19.34 26.09 19.64
CA TYR C 77 -20.52 26.48 18.91
C TYR C 77 -21.04 25.29 18.12
N LEU C 78 -20.13 24.58 17.49
CA LEU C 78 -20.44 23.41 16.70
C LEU C 78 -20.95 22.30 17.59
N GLN C 79 -20.34 22.18 18.76
CA GLN C 79 -20.78 21.16 19.69
C GLN C 79 -22.26 21.38 19.88
N ALA C 80 -22.62 22.62 20.24
CA ALA C 80 -24.01 22.98 20.47
C ALA C 80 -24.75 22.79 19.17
N ARG C 81 -24.12 23.17 18.07
CA ARG C 81 -24.73 23.00 16.76
C ARG C 81 -25.25 21.57 16.67
N GLY C 82 -24.73 20.70 17.54
CA GLY C 82 -25.13 19.31 17.54
C GLY C 82 -24.24 18.45 16.64
N LEU C 83 -23.21 19.05 16.06
CA LEU C 83 -22.28 18.33 15.19
C LEU C 83 -21.60 17.15 15.88
N ALA C 84 -21.39 16.07 15.14
CA ALA C 84 -20.73 14.92 15.74
C ALA C 84 -19.32 15.33 16.10
N VAL C 85 -18.69 14.50 16.92
CA VAL C 85 -17.33 14.75 17.33
C VAL C 85 -16.52 14.66 16.06
N LYS C 86 -16.71 13.56 15.35
CA LYS C 86 -15.98 13.33 14.12
C LYS C 86 -16.05 14.54 13.21
N THR C 87 -17.18 15.22 13.25
CA THR C 87 -17.36 16.36 12.39
C THR C 87 -16.55 17.52 12.91
N ILE C 88 -16.56 17.70 14.23
CA ILE C 88 -15.83 18.77 14.84
C ILE C 88 -14.32 18.59 14.67
N GLN C 89 -13.84 17.35 14.77
CA GLN C 89 -12.42 17.09 14.62
C GLN C 89 -11.97 17.47 13.21
N GLN C 90 -12.87 17.34 12.26
CA GLN C 90 -12.56 17.66 10.88
C GLN C 90 -12.44 19.18 10.75
N HIS C 91 -13.30 19.89 11.46
CA HIS C 91 -13.25 21.33 11.37
C HIS C 91 -11.91 21.87 11.90
N LEU C 92 -11.41 21.32 13.00
CA LEU C 92 -10.13 21.79 13.51
C LEU C 92 -9.03 21.32 12.58
N GLY C 93 -9.22 20.10 12.09
CA GLY C 93 -8.25 19.50 11.20
C GLY C 93 -7.98 20.34 9.98
N GLN C 94 -9.03 20.89 9.42
CA GLN C 94 -8.90 21.74 8.25
C GLN C 94 -8.20 23.02 8.62
N LEU C 95 -8.55 23.56 9.78
CA LEU C 95 -7.93 24.78 10.27
C LEU C 95 -6.44 24.58 10.43
N ASN C 96 -6.06 23.51 11.13
CA ASN C 96 -4.66 23.19 11.34
C ASN C 96 -3.94 23.02 10.00
N MET C 97 -4.66 22.57 8.97
CA MET C 97 -4.06 22.36 7.64
C MET C 97 -3.73 23.69 6.97
N LEU C 98 -4.77 24.49 6.79
CA LEU C 98 -4.63 25.82 6.21
C LEU C 98 -3.45 26.58 6.89
N HIS C 99 -3.37 26.47 8.21
CA HIS C 99 -2.33 27.14 9.00
C HIS C 99 -0.94 26.54 8.95
N ARG C 100 -0.87 25.21 8.94
CA ARG C 100 0.40 24.53 8.89
C ARG C 100 0.98 24.95 7.54
N ARG C 101 0.08 25.01 6.56
CA ARG C 101 0.47 25.38 5.20
C ARG C 101 0.62 26.90 5.05
N SER C 102 1.25 27.51 6.05
CA SER C 102 1.54 28.95 6.12
C SER C 102 2.44 29.13 7.36
N GLY C 103 3.31 30.11 7.33
CA GLY C 103 4.20 30.33 8.45
C GLY C 103 3.54 30.29 9.82
N LEU C 104 2.24 30.53 9.83
CA LEU C 104 1.47 30.55 11.06
C LEU C 104 1.36 29.17 11.68
N PRO C 105 1.30 29.12 13.02
CA PRO C 105 1.19 27.85 13.73
C PRO C 105 -0.14 27.15 13.48
N ARG C 106 -0.57 26.38 14.46
CA ARG C 106 -1.83 25.67 14.38
C ARG C 106 -2.59 25.83 15.68
N PRO C 107 -3.89 26.15 15.59
CA PRO C 107 -4.72 26.32 16.78
C PRO C 107 -4.74 25.06 17.63
N SER C 108 -4.67 23.90 16.98
CA SER C 108 -4.69 22.62 17.68
C SER C 108 -3.46 22.46 18.57
N ASP C 109 -2.51 23.36 18.38
CA ASP C 109 -1.27 23.34 19.15
C ASP C 109 -1.35 24.33 20.31
N SER C 110 -2.57 24.63 20.75
CA SER C 110 -2.75 25.55 21.86
C SER C 110 -3.41 24.85 23.03
N ASN C 111 -3.10 25.29 24.24
CA ASN C 111 -3.70 24.68 25.41
C ASN C 111 -5.23 24.66 25.24
N ALA C 112 -5.82 25.85 25.20
CA ALA C 112 -7.28 26.01 25.04
C ALA C 112 -7.91 25.08 24.01
N VAL C 113 -7.58 25.30 22.74
CA VAL C 113 -8.11 24.48 21.65
C VAL C 113 -7.91 23.01 21.95
N SER C 114 -6.79 22.69 22.57
CA SER C 114 -6.50 21.32 22.91
C SER C 114 -7.40 20.86 24.06
N LEU C 115 -7.65 21.72 25.03
CA LEU C 115 -8.49 21.32 26.15
C LEU C 115 -9.98 21.19 25.78
N VAL C 116 -10.49 22.06 24.90
CA VAL C 116 -11.91 21.98 24.51
C VAL C 116 -12.17 20.70 23.74
N MET C 117 -11.22 20.32 22.91
CA MET C 117 -11.39 19.10 22.15
C MET C 117 -11.52 17.96 23.16
N ARG C 118 -10.63 17.93 24.15
CA ARG C 118 -10.63 16.91 25.18
C ARG C 118 -12.01 16.87 25.85
N ARG C 119 -12.50 18.01 26.32
CA ARG C 119 -13.79 18.07 26.99
C ARG C 119 -14.96 17.79 26.05
N ILE C 120 -14.92 18.39 24.87
CA ILE C 120 -15.98 18.23 23.85
C ILE C 120 -16.09 16.76 23.50
N ARG C 121 -14.94 16.13 23.29
CA ARG C 121 -14.91 14.73 22.96
C ARG C 121 -15.60 13.93 24.08
N LYS C 122 -15.15 14.13 25.32
CA LYS C 122 -15.74 13.42 26.46
C LYS C 122 -17.21 13.78 26.66
N GLU C 123 -17.48 15.07 26.85
CA GLU C 123 -18.83 15.56 27.06
C GLU C 123 -19.83 14.89 26.11
N ASN C 124 -19.51 14.94 24.83
CA ASN C 124 -20.38 14.39 23.80
C ASN C 124 -20.52 12.88 23.81
N VAL C 125 -19.61 12.20 24.50
CA VAL C 125 -19.73 10.76 24.54
C VAL C 125 -20.55 10.34 25.73
N ASP C 126 -21.02 11.31 26.51
CA ASP C 126 -21.82 10.99 27.68
C ASP C 126 -23.22 11.43 27.42
N ALA C 127 -23.39 12.10 26.29
CA ALA C 127 -24.69 12.61 25.94
C ALA C 127 -25.50 11.47 25.34
N GLY C 128 -24.95 10.85 24.31
CA GLY C 128 -25.62 9.76 23.63
C GLY C 128 -25.21 9.67 22.18
N GLU C 129 -24.03 10.23 21.89
CA GLU C 129 -23.46 10.24 20.55
C GLU C 129 -22.96 8.84 20.17
N ARG C 130 -23.50 8.30 19.07
CA ARG C 130 -23.08 6.99 18.59
C ARG C 130 -22.81 7.00 17.10
N ALA C 131 -21.62 6.53 16.73
CA ALA C 131 -21.19 6.48 15.33
C ALA C 131 -22.28 5.81 14.53
N LYS C 132 -22.51 6.30 13.31
CA LYS C 132 -23.53 5.70 12.48
C LYS C 132 -23.02 4.36 11.97
N GLN C 133 -23.87 3.64 11.23
CA GLN C 133 -23.54 2.32 10.71
C GLN C 133 -23.59 2.18 9.19
N ALA C 134 -24.80 1.90 8.72
CA ALA C 134 -25.12 1.69 7.30
C ALA C 134 -25.98 0.44 7.28
N LEU C 135 -27.29 0.62 7.19
CA LEU C 135 -28.22 -0.50 7.16
C LEU C 135 -27.69 -1.65 6.32
N ALA C 136 -27.53 -2.80 6.97
CA ALA C 136 -27.01 -3.98 6.29
C ALA C 136 -27.98 -4.41 5.25
N PHE C 137 -27.47 -4.59 4.04
CA PHE C 137 -28.30 -5.05 2.96
C PHE C 137 -27.99 -6.55 2.95
N GLU C 138 -28.76 -7.30 3.72
CA GLU C 138 -28.52 -8.74 3.83
C GLU C 138 -29.02 -9.56 2.67
N ARG C 139 -28.62 -10.82 2.65
CA ARG C 139 -29.05 -11.68 1.56
C ARG C 139 -30.57 -11.80 1.52
N THR C 140 -31.20 -11.98 2.67
CA THR C 140 -32.67 -12.08 2.75
C THR C 140 -33.25 -10.92 2.00
N ASP C 141 -32.67 -9.76 2.27
CA ASP C 141 -33.09 -8.55 1.61
C ASP C 141 -32.94 -8.78 0.11
N PHE C 142 -31.75 -9.22 -0.31
CA PHE C 142 -31.49 -9.47 -1.72
C PHE C 142 -32.49 -10.38 -2.45
N ASP C 143 -32.73 -11.56 -1.89
CA ASP C 143 -33.68 -12.51 -2.46
C ASP C 143 -35.07 -11.85 -2.66
N GLN C 144 -35.48 -11.06 -1.67
CA GLN C 144 -36.75 -10.35 -1.68
C GLN C 144 -36.74 -9.42 -2.88
N VAL C 145 -35.68 -8.62 -2.98
CA VAL C 145 -35.57 -7.71 -4.10
C VAL C 145 -35.69 -8.56 -5.36
N ARG C 146 -34.79 -9.52 -5.52
CA ARG C 146 -34.80 -10.39 -6.69
C ARG C 146 -36.22 -10.85 -6.98
N SER C 147 -36.90 -11.34 -5.96
CA SER C 147 -38.28 -11.82 -6.10
C SER C 147 -39.25 -10.86 -6.82
N LEU C 148 -39.06 -9.54 -6.70
CA LEU C 148 -39.95 -8.58 -7.37
C LEU C 148 -39.43 -8.06 -8.73
N MET C 149 -38.23 -7.50 -8.76
CA MET C 149 -37.68 -7.00 -10.02
C MET C 149 -37.41 -8.19 -10.94
N GLU C 150 -37.44 -9.38 -10.36
CA GLU C 150 -37.19 -10.64 -11.07
C GLU C 150 -37.80 -10.67 -12.46
N ASN C 151 -39.12 -10.78 -12.48
CA ASN C 151 -39.86 -10.90 -13.71
C ASN C 151 -40.19 -9.55 -14.34
N SER C 152 -39.91 -8.47 -13.63
CA SER C 152 -40.20 -7.15 -14.17
C SER C 152 -39.32 -6.97 -15.39
N ASP C 153 -39.87 -6.36 -16.43
CA ASP C 153 -39.11 -6.17 -17.67
C ASP C 153 -38.64 -4.74 -17.90
N ARG C 154 -38.87 -3.88 -16.91
CA ARG C 154 -38.45 -2.48 -17.02
C ARG C 154 -36.94 -2.32 -16.98
N CYS C 155 -36.39 -1.80 -18.07
CA CYS C 155 -34.96 -1.59 -18.24
C CYS C 155 -34.19 -1.22 -16.96
N GLN C 156 -34.49 -0.05 -16.43
CA GLN C 156 -33.87 0.43 -15.21
C GLN C 156 -34.12 -0.56 -14.08
N ASP C 157 -35.32 -1.11 -14.04
CA ASP C 157 -35.66 -2.08 -13.02
C ASP C 157 -34.60 -3.14 -13.04
N ILE C 158 -34.30 -3.58 -14.24
CA ILE C 158 -33.33 -4.61 -14.47
C ILE C 158 -31.97 -4.14 -14.01
N ARG C 159 -31.49 -3.07 -14.61
CA ARG C 159 -30.21 -2.52 -14.22
C ARG C 159 -30.08 -2.51 -12.72
N ASN C 160 -31.12 -2.06 -12.03
CA ASN C 160 -31.08 -1.99 -10.59
C ASN C 160 -30.81 -3.32 -9.89
N LEU C 161 -31.36 -4.40 -10.44
CA LEU C 161 -31.17 -5.75 -9.89
C LEU C 161 -29.71 -6.22 -10.08
N ALA C 162 -29.15 -5.90 -11.24
CA ALA C 162 -27.77 -6.28 -11.57
C ALA C 162 -26.80 -5.53 -10.67
N PHE C 163 -27.04 -4.25 -10.52
CA PHE C 163 -26.19 -3.42 -9.69
C PHE C 163 -26.13 -4.00 -8.29
N LEU C 164 -27.30 -4.15 -7.69
CA LEU C 164 -27.37 -4.68 -6.35
C LEU C 164 -26.71 -6.05 -6.32
N GLY C 165 -26.69 -6.70 -7.48
CA GLY C 165 -26.05 -8.01 -7.57
C GLY C 165 -24.55 -7.95 -7.39
N ILE C 166 -23.87 -7.13 -8.18
CA ILE C 166 -22.44 -6.99 -8.05
C ILE C 166 -22.10 -6.34 -6.72
N ALA C 167 -22.85 -5.30 -6.36
CA ALA C 167 -22.57 -4.60 -5.13
C ALA C 167 -22.47 -5.61 -4.00
N TYR C 168 -23.47 -6.48 -3.90
CA TYR C 168 -23.54 -7.51 -2.84
C TYR C 168 -22.61 -8.69 -3.10
N ASN C 169 -22.47 -9.06 -4.36
CA ASN C 169 -21.64 -10.19 -4.76
C ASN C 169 -20.16 -9.82 -4.88
N THR C 170 -19.81 -8.59 -4.54
CA THR C 170 -18.43 -8.16 -4.66
C THR C 170 -17.95 -7.35 -3.48
N LEU C 171 -18.90 -6.93 -2.65
CA LEU C 171 -18.56 -6.13 -1.49
C LEU C 171 -17.62 -5.03 -1.95
N LEU C 172 -17.84 -4.59 -3.19
CA LEU C 172 -17.01 -3.55 -3.74
C LEU C 172 -17.67 -2.22 -3.46
N ARG C 173 -16.87 -1.25 -3.09
CA ARG C 173 -17.41 0.07 -2.81
C ARG C 173 -18.03 0.51 -4.12
N ILE C 174 -18.99 1.42 -4.04
CA ILE C 174 -19.69 1.90 -5.23
C ILE C 174 -18.76 2.40 -6.35
N ALA C 175 -17.93 3.40 -6.02
CA ALA C 175 -17.03 4.00 -6.98
C ALA C 175 -16.49 2.95 -7.94
N GLU C 176 -15.82 1.94 -7.39
CA GLU C 176 -15.28 0.87 -8.21
C GLU C 176 -16.39 0.34 -9.10
N ILE C 177 -17.54 0.07 -8.49
CA ILE C 177 -18.70 -0.47 -9.20
C ILE C 177 -19.04 0.42 -10.39
N ALA C 178 -18.99 1.74 -10.18
CA ALA C 178 -19.30 2.67 -11.24
C ALA C 178 -18.22 2.65 -12.31
N ARG C 179 -16.97 2.61 -11.86
CA ARG C 179 -15.82 2.64 -12.76
C ARG C 179 -15.78 1.48 -13.74
N ILE C 180 -16.39 0.37 -13.40
CA ILE C 180 -16.34 -0.78 -14.30
C ILE C 180 -16.89 -0.58 -15.71
N ARG C 181 -16.14 -1.13 -16.67
CA ARG C 181 -16.41 -1.07 -18.11
C ARG C 181 -16.83 -2.43 -18.67
N VAL C 182 -17.06 -2.47 -19.99
CA VAL C 182 -17.48 -3.70 -20.66
C VAL C 182 -16.43 -4.80 -20.62
N LYS C 183 -15.49 -4.75 -21.55
CA LYS C 183 -14.42 -5.75 -21.64
C LYS C 183 -13.86 -6.21 -20.30
N ASP C 184 -13.95 -5.37 -19.28
CA ASP C 184 -13.46 -5.74 -17.95
C ASP C 184 -14.13 -7.02 -17.45
N ILE C 185 -15.33 -7.30 -17.97
CA ILE C 185 -16.10 -8.48 -17.60
C ILE C 185 -15.63 -9.68 -18.39
N SER C 186 -14.72 -10.45 -17.82
CA SER C 186 -14.19 -11.63 -18.50
C SER C 186 -14.86 -12.90 -18.01
N ARG C 187 -15.65 -13.53 -18.87
CA ARG C 187 -16.34 -14.77 -18.52
C ARG C 187 -15.24 -15.76 -18.17
N THR C 188 -14.71 -15.65 -16.96
CA THR C 188 -13.61 -16.50 -16.56
C THR C 188 -14.08 -17.60 -15.63
N ASP C 189 -13.98 -18.83 -16.11
CA ASP C 189 -14.36 -19.98 -15.32
C ASP C 189 -15.85 -20.18 -15.21
N GLY C 190 -16.28 -21.41 -15.47
CA GLY C 190 -17.68 -21.78 -15.38
C GLY C 190 -18.57 -21.08 -16.39
N GLY C 191 -18.05 -20.03 -17.02
CA GLY C 191 -18.82 -19.28 -17.99
C GLY C 191 -19.32 -18.01 -17.32
N ARG C 192 -18.82 -17.78 -16.11
CA ARG C 192 -19.21 -16.63 -15.32
C ARG C 192 -18.19 -15.54 -15.53
N MET C 193 -18.62 -14.30 -15.38
CA MET C 193 -17.75 -13.15 -15.58
C MET C 193 -16.60 -13.07 -14.59
N GLU C 210 -9.67 -9.49 -9.33
CA GLU C 210 -10.64 -9.95 -10.32
C GLU C 210 -11.76 -10.59 -9.54
N LYS C 211 -12.82 -9.82 -9.29
CA LYS C 211 -13.97 -10.35 -8.57
C LYS C 211 -14.86 -11.14 -9.52
N ALA C 212 -15.24 -12.36 -9.11
CA ALA C 212 -16.08 -13.25 -9.91
C ALA C 212 -17.53 -13.27 -9.45
N LEU C 213 -18.44 -13.10 -10.40
CA LEU C 213 -19.86 -13.08 -10.11
C LEU C 213 -20.47 -14.46 -10.01
N SER C 214 -20.95 -14.76 -8.81
CA SER C 214 -21.59 -16.04 -8.46
C SER C 214 -22.02 -16.91 -9.62
N LEU C 215 -23.21 -16.62 -10.15
CA LEU C 215 -23.74 -17.40 -11.25
C LEU C 215 -25.13 -16.88 -11.52
N GLY C 216 -25.91 -16.81 -10.45
CA GLY C 216 -27.26 -16.31 -10.58
C GLY C 216 -27.14 -14.82 -10.85
N VAL C 217 -26.01 -14.26 -10.41
CA VAL C 217 -25.70 -12.83 -10.58
C VAL C 217 -25.09 -12.56 -11.94
N THR C 218 -24.25 -13.48 -12.41
CA THR C 218 -23.66 -13.33 -13.73
C THR C 218 -24.85 -13.29 -14.67
N LYS C 219 -25.83 -14.14 -14.36
CA LYS C 219 -27.09 -14.25 -15.13
C LYS C 219 -27.82 -12.91 -15.19
N LEU C 220 -27.80 -12.20 -14.07
CA LEU C 220 -28.44 -10.90 -13.97
C LEU C 220 -27.72 -9.87 -14.84
N VAL C 221 -26.46 -9.61 -14.51
CA VAL C 221 -25.67 -8.65 -15.27
C VAL C 221 -25.88 -8.80 -16.77
N GLU C 222 -25.98 -10.05 -17.24
CA GLU C 222 -26.16 -10.36 -18.66
C GLU C 222 -27.42 -9.71 -19.25
N ARG C 223 -28.59 -10.11 -18.71
CA ARG C 223 -29.87 -9.58 -19.14
C ARG C 223 -29.78 -8.09 -19.45
N TRP C 224 -29.50 -7.28 -18.44
CA TRP C 224 -29.35 -5.84 -18.63
C TRP C 224 -28.29 -5.50 -19.67
N ILE C 225 -27.16 -6.20 -19.59
CA ILE C 225 -26.06 -5.95 -20.50
C ILE C 225 -26.60 -5.77 -21.90
N SER C 226 -27.44 -6.72 -22.31
CA SER C 226 -28.03 -6.68 -23.64
C SER C 226 -29.17 -5.65 -23.62
N VAL C 227 -30.05 -5.78 -22.63
CA VAL C 227 -31.19 -4.88 -22.47
C VAL C 227 -30.82 -3.42 -22.63
N SER C 228 -29.54 -3.11 -22.40
CA SER C 228 -29.08 -1.74 -22.54
C SER C 228 -28.22 -1.52 -23.77
N GLY C 229 -27.71 -2.61 -24.34
CA GLY C 229 -26.86 -2.50 -25.51
C GLY C 229 -25.54 -1.86 -25.18
N VAL C 230 -24.97 -2.27 -24.05
CA VAL C 230 -23.69 -1.73 -23.59
C VAL C 230 -22.59 -2.54 -24.23
N ALA C 231 -22.86 -3.83 -24.37
CA ALA C 231 -21.91 -4.74 -24.96
C ALA C 231 -21.30 -4.10 -26.18
N ASP C 232 -22.12 -3.38 -26.97
CA ASP C 232 -21.65 -2.78 -28.23
C ASP C 232 -20.27 -2.14 -28.10
N ASP C 233 -20.21 -0.83 -27.93
CA ASP C 233 -18.91 -0.21 -27.82
C ASP C 233 -18.29 -0.67 -26.51
N PRO C 234 -17.26 -1.53 -26.57
CA PRO C 234 -16.69 -1.96 -25.30
C PRO C 234 -16.09 -0.72 -24.66
N ASN C 235 -15.29 -0.88 -23.61
CA ASN C 235 -14.71 0.31 -22.99
C ASN C 235 -15.84 1.21 -22.47
N ASN C 236 -17.07 0.73 -22.61
CA ASN C 236 -18.23 1.46 -22.13
C ASN C 236 -18.22 1.20 -20.63
N TYR C 237 -19.39 1.04 -20.04
CA TYR C 237 -19.44 0.76 -18.62
C TYR C 237 -20.53 -0.26 -18.37
N LEU C 238 -20.31 -1.12 -17.39
CA LEU C 238 -21.31 -2.13 -17.10
C LEU C 238 -22.64 -1.41 -16.99
N PHE C 239 -22.66 -0.36 -16.17
CA PHE C 239 -23.87 0.41 -15.92
C PHE C 239 -23.90 1.76 -16.61
N CYS C 240 -25.10 2.30 -16.83
CA CYS C 240 -25.26 3.60 -17.47
C CYS C 240 -26.56 4.29 -17.08
N ARG C 241 -26.84 5.44 -17.71
CA ARG C 241 -28.05 6.22 -17.47
C ARG C 241 -29.30 5.58 -18.07
N VAL C 242 -30.42 5.71 -17.38
CA VAL C 242 -31.66 5.14 -17.86
C VAL C 242 -32.78 6.16 -17.79
N ARG C 243 -32.88 6.90 -18.89
CA ARG C 243 -33.86 7.94 -19.10
C ARG C 243 -35.26 7.53 -18.61
N LYS C 244 -36.09 8.54 -18.42
CA LYS C 244 -37.43 8.31 -17.93
C LYS C 244 -38.29 7.60 -18.98
N ASN C 245 -37.79 7.51 -20.21
CA ASN C 245 -38.54 6.82 -21.24
C ASN C 245 -38.19 5.34 -21.25
N GLY C 246 -37.45 4.91 -20.21
CA GLY C 246 -37.08 3.52 -20.08
C GLY C 246 -35.97 3.06 -21.00
N VAL C 247 -35.30 4.01 -21.65
CA VAL C 247 -34.21 3.72 -22.56
C VAL C 247 -32.83 3.96 -21.94
N ALA C 248 -31.89 3.08 -22.22
CA ALA C 248 -30.54 3.19 -21.66
C ALA C 248 -29.84 4.47 -22.11
N ALA C 249 -28.55 4.34 -22.40
CA ALA C 249 -27.69 5.44 -22.86
C ALA C 249 -26.24 5.12 -22.53
N PRO C 250 -25.73 3.98 -23.02
CA PRO C 250 -24.34 3.59 -22.75
C PRO C 250 -23.36 4.72 -23.05
N SER C 251 -22.20 4.69 -22.41
CA SER C 251 -21.20 5.74 -22.61
C SER C 251 -19.77 5.23 -22.37
N ALA C 252 -18.84 6.15 -22.49
CA ALA C 252 -17.42 5.89 -22.26
C ALA C 252 -16.84 7.29 -22.13
N THR C 253 -17.68 8.18 -21.63
CA THR C 253 -17.33 9.58 -21.43
C THR C 253 -18.02 10.10 -20.17
N SER C 254 -19.17 9.48 -19.87
CA SER C 254 -19.98 9.82 -18.70
C SER C 254 -19.81 8.86 -17.54
N GLN C 255 -19.53 9.42 -16.37
CA GLN C 255 -19.35 8.63 -15.15
C GLN C 255 -20.63 8.65 -14.31
N LEU C 256 -21.25 7.48 -14.16
CA LEU C 256 -22.49 7.36 -13.38
C LEU C 256 -22.34 7.78 -11.91
N SER C 257 -22.87 8.97 -11.58
CA SER C 257 -22.80 9.53 -10.24
C SER C 257 -22.93 8.47 -9.17
N THR C 258 -22.03 8.50 -8.19
CA THR C 258 -22.10 7.52 -7.12
C THR C 258 -23.44 7.73 -6.50
N ARG C 259 -23.81 9.00 -6.38
CA ARG C 259 -25.10 9.34 -5.79
C ARG C 259 -26.17 8.46 -6.44
N ALA C 260 -26.20 8.45 -7.76
CA ALA C 260 -27.19 7.63 -8.44
C ALA C 260 -27.15 6.23 -7.85
N LEU C 261 -25.97 5.67 -7.77
CA LEU C 261 -25.84 4.31 -7.24
C LEU C 261 -26.47 4.22 -5.88
N GLU C 262 -26.20 5.21 -5.05
CA GLU C 262 -26.75 5.23 -3.70
C GLU C 262 -28.24 5.32 -3.82
N GLY C 263 -28.67 5.96 -4.90
CA GLY C 263 -30.09 6.12 -5.10
C GLY C 263 -30.73 4.78 -5.28
N ILE C 264 -30.13 3.97 -6.14
CA ILE C 264 -30.64 2.65 -6.44
C ILE C 264 -31.01 1.94 -5.15
N PHE C 265 -30.11 2.01 -4.17
CA PHE C 265 -30.35 1.37 -2.90
C PHE C 265 -31.55 1.98 -2.25
N GLU C 266 -31.45 3.29 -2.04
CA GLU C 266 -32.52 4.04 -1.43
C GLU C 266 -33.86 3.64 -2.03
N ALA C 267 -34.07 3.99 -3.31
CA ALA C 267 -35.31 3.69 -4.02
C ALA C 267 -35.72 2.28 -3.73
N THR C 268 -34.78 1.37 -3.90
CA THR C 268 -35.07 -0.02 -3.67
C THR C 268 -35.67 -0.20 -2.30
N HIS C 269 -35.14 0.52 -1.32
CA HIS C 269 -35.67 0.40 0.02
C HIS C 269 -37.06 1.01 0.11
N ARG C 270 -37.22 2.24 -0.31
CA ARG C 270 -38.54 2.90 -0.29
C ARG C 270 -39.56 2.12 -1.12
N LEU C 271 -39.04 1.29 -2.04
CA LEU C 271 -39.87 0.49 -2.91
C LEU C 271 -40.41 -0.70 -2.14
N ILE C 272 -39.69 -1.09 -1.10
CA ILE C 272 -40.07 -2.23 -0.27
C ILE C 272 -40.55 -1.84 1.12
N TYR C 273 -40.14 -0.65 1.59
CA TYR C 273 -40.50 -0.18 2.92
C TYR C 273 -41.18 1.16 2.86
N GLY C 274 -41.70 1.51 1.69
CA GLY C 274 -42.37 2.79 1.54
C GLY C 274 -41.50 4.00 1.82
N ALA C 275 -42.17 5.16 1.87
CA ALA C 275 -41.50 6.41 2.11
C ALA C 275 -40.58 6.33 3.31
N LYS C 276 -39.51 7.10 3.25
CA LYS C 276 -38.51 7.16 4.31
C LYS C 276 -39.19 7.26 5.68
N ASP C 277 -38.39 7.10 6.72
CA ASP C 277 -38.90 7.15 8.08
C ASP C 277 -38.98 8.57 8.60
N ASP C 278 -38.33 9.47 7.86
CA ASP C 278 -38.27 10.89 8.17
C ASP C 278 -37.36 11.17 9.37
N SER C 279 -37.97 11.54 10.50
CA SER C 279 -37.23 11.86 11.71
C SER C 279 -35.99 12.68 11.33
N GLY C 280 -34.90 12.44 12.06
CA GLY C 280 -33.68 13.16 11.77
C GLY C 280 -32.56 12.18 11.57
N GLN C 281 -32.67 11.05 12.26
CA GLN C 281 -31.68 10.00 12.21
C GLN C 281 -31.07 9.80 10.82
N ARG C 282 -29.88 9.19 10.78
CA ARG C 282 -29.16 8.89 9.55
C ARG C 282 -28.97 7.37 9.42
N TYR C 283 -29.29 6.84 8.23
CA TYR C 283 -29.21 5.40 7.88
C TYR C 283 -30.51 4.64 8.18
N LEU C 284 -31.65 5.19 7.75
CA LEU C 284 -32.95 4.57 7.95
C LEU C 284 -33.34 3.88 6.65
N ALA C 285 -32.37 3.79 5.75
CA ALA C 285 -32.55 3.15 4.45
C ALA C 285 -31.18 2.63 4.06
N TRP C 286 -31.05 2.09 2.85
CA TRP C 286 -29.75 1.59 2.46
C TRP C 286 -28.93 2.63 1.76
N SER C 287 -27.63 2.54 2.04
CA SER C 287 -26.63 3.42 1.48
C SER C 287 -25.68 2.60 0.62
N GLY C 288 -24.87 3.30 -0.14
CA GLY C 288 -23.94 2.62 -1.03
C GLY C 288 -23.25 1.39 -0.50
N HIS C 289 -22.91 1.39 0.78
CA HIS C 289 -22.19 0.25 1.33
C HIS C 289 -23.04 -0.82 1.99
N SER C 290 -24.30 -0.50 2.19
CA SER C 290 -25.24 -1.45 2.78
C SER C 290 -24.94 -2.87 2.28
N ALA C 291 -24.45 -2.96 1.04
CA ALA C 291 -24.15 -4.25 0.43
C ALA C 291 -22.96 -4.92 1.13
N ARG C 292 -21.81 -4.27 1.09
CA ARG C 292 -20.65 -4.82 1.74
C ARG C 292 -21.05 -5.29 3.14
N VAL C 293 -21.61 -4.38 3.93
CA VAL C 293 -22.03 -4.73 5.28
C VAL C 293 -22.86 -6.01 5.23
N GLY C 294 -23.86 -6.02 4.37
CA GLY C 294 -24.74 -7.17 4.28
C GLY C 294 -24.00 -8.47 4.07
N ALA C 295 -23.05 -8.47 3.14
CA ALA C 295 -22.26 -9.65 2.84
C ALA C 295 -21.49 -10.13 4.06
N ALA C 296 -20.57 -9.31 4.54
CA ALA C 296 -19.78 -9.66 5.74
C ALA C 296 -20.67 -10.34 6.77
N ARG C 297 -21.82 -9.72 7.02
CA ARG C 297 -22.78 -10.20 7.98
C ARG C 297 -23.18 -11.65 7.79
N ASP C 298 -23.96 -11.91 6.75
CA ASP C 298 -24.44 -13.25 6.49
C ASP C 298 -23.26 -14.19 6.24
N MET C 299 -22.13 -13.60 5.88
CA MET C 299 -20.90 -14.34 5.59
C MET C 299 -20.37 -14.97 6.86
N ALA C 300 -20.10 -14.12 7.84
CA ALA C 300 -19.58 -14.57 9.11
C ALA C 300 -20.66 -15.37 9.82
N ARG C 301 -21.90 -15.03 9.53
CA ARG C 301 -23.03 -15.69 10.15
C ARG C 301 -22.98 -17.21 9.92
N ALA C 302 -22.60 -17.59 8.70
CA ALA C 302 -22.49 -19.00 8.34
C ALA C 302 -21.08 -19.50 8.62
N GLY C 303 -20.64 -20.50 7.88
CA GLY C 303 -19.32 -21.06 8.09
C GLY C 303 -18.21 -20.40 7.32
N VAL C 304 -17.60 -19.37 7.92
CA VAL C 304 -16.54 -18.64 7.25
C VAL C 304 -15.47 -18.10 8.19
N SER C 305 -14.23 -18.07 7.70
CA SER C 305 -13.07 -17.57 8.44
C SER C 305 -13.17 -16.04 8.52
N ILE C 306 -12.13 -15.39 9.02
CA ILE C 306 -12.17 -13.92 9.11
C ILE C 306 -11.59 -13.17 7.90
N PRO C 307 -10.66 -13.78 7.15
CA PRO C 307 -10.09 -13.09 5.99
C PRO C 307 -11.18 -12.91 4.95
N GLU C 308 -12.09 -13.86 4.90
CA GLU C 308 -13.17 -13.76 3.96
C GLU C 308 -13.89 -12.45 4.24
N ILE C 309 -14.15 -12.18 5.52
CA ILE C 309 -14.83 -10.95 5.92
C ILE C 309 -13.94 -9.73 5.63
N MET C 310 -12.65 -9.97 5.39
CA MET C 310 -11.72 -8.86 5.11
C MET C 310 -11.22 -8.85 3.65
N GLN C 311 -10.57 -9.92 3.24
CA GLN C 311 -10.07 -10.11 1.89
C GLN C 311 -10.98 -9.59 0.75
N ALA C 312 -12.28 -9.85 0.85
CA ALA C 312 -13.26 -9.44 -0.16
C ALA C 312 -13.43 -7.93 -0.31
N GLY C 313 -13.90 -7.28 0.74
CA GLY C 313 -14.08 -5.85 0.69
C GLY C 313 -12.75 -5.17 0.46
N GLY C 314 -11.87 -5.23 1.46
CA GLY C 314 -10.56 -4.60 1.34
C GLY C 314 -10.32 -3.81 2.61
N TRP C 315 -10.38 -4.50 3.74
CA TRP C 315 -10.17 -3.86 5.01
C TRP C 315 -8.76 -4.00 5.51
N THR C 316 -8.51 -3.45 6.69
CA THR C 316 -7.20 -3.46 7.31
C THR C 316 -6.98 -4.54 8.38
N ARG C 326 -21.32 -6.78 13.83
CA ARG C 326 -21.41 -8.21 13.68
C ARG C 326 -21.74 -8.85 15.02
N ASN C 327 -21.57 -8.12 16.11
CA ASN C 327 -21.91 -8.68 17.41
C ASN C 327 -23.38 -9.09 17.39
N LEU C 328 -24.18 -8.38 16.60
CA LEU C 328 -25.61 -8.67 16.46
C LEU C 328 -25.86 -10.15 16.15
N ASP C 329 -24.84 -10.82 15.60
CA ASP C 329 -24.92 -12.24 15.26
C ASP C 329 -24.81 -13.04 16.55
N SER C 330 -24.30 -14.27 16.48
CA SER C 330 -24.20 -15.07 17.70
C SER C 330 -22.78 -15.32 18.14
N GLU C 331 -21.82 -14.98 17.29
CA GLU C 331 -20.43 -15.14 17.65
C GLU C 331 -20.12 -14.07 18.70
N THR C 332 -20.76 -14.20 19.86
CA THR C 332 -20.62 -13.25 20.95
C THR C 332 -19.36 -13.30 21.77
N GLY C 333 -18.68 -14.43 21.81
CA GLY C 333 -17.44 -14.47 22.57
C GLY C 333 -17.16 -15.61 23.53
N ALA C 334 -16.02 -15.50 24.20
CA ALA C 334 -15.55 -16.49 25.16
C ALA C 334 -16.45 -16.62 26.36
N MET C 335 -16.50 -15.60 27.21
CA MET C 335 -17.31 -15.65 28.42
C MET C 335 -18.69 -16.29 28.22
N VAL C 336 -19.29 -16.12 27.04
CA VAL C 336 -20.60 -16.72 26.77
C VAL C 336 -20.36 -18.22 26.53
N ARG C 337 -19.31 -18.51 25.78
CA ARG C 337 -18.92 -19.88 25.45
C ARG C 337 -18.68 -20.63 26.76
N LEU C 338 -17.79 -20.08 27.56
CA LEU C 338 -17.43 -20.64 28.85
C LEU C 338 -18.70 -20.86 29.66
N LEU C 339 -19.45 -19.79 29.88
CA LEU C 339 -20.70 -19.87 30.64
C LEU C 339 -21.58 -20.95 30.00
N GLU C 340 -22.08 -20.70 28.78
CA GLU C 340 -22.91 -21.64 27.99
C GLU C 340 -23.97 -20.92 27.14
N THR D 19 26.88 29.39 11.99
CA THR D 19 26.26 28.96 10.73
C THR D 19 27.16 28.07 9.87
N SER D 20 28.10 28.68 9.14
CA SER D 20 29.00 27.95 8.24
C SER D 20 30.21 27.28 8.87
N ASP D 21 30.40 27.49 10.16
CA ASP D 21 31.51 26.89 10.90
C ASP D 21 31.01 25.61 11.56
N GLU D 22 29.76 25.65 12.04
CA GLU D 22 29.15 24.49 12.68
C GLU D 22 28.77 23.52 11.61
N VAL D 23 28.17 24.06 10.57
CA VAL D 23 27.74 23.25 9.44
C VAL D 23 28.94 22.47 8.91
N ARG D 24 29.98 23.20 8.51
CA ARG D 24 31.19 22.58 7.98
C ARG D 24 31.73 21.57 8.98
N LYS D 25 31.49 21.82 10.26
CA LYS D 25 32.00 20.92 11.29
C LYS D 25 31.18 19.66 11.35
N ASN D 26 29.86 19.84 11.28
CA ASN D 26 28.91 18.75 11.35
C ASN D 26 29.07 17.72 10.26
N LEU D 27 29.62 18.17 9.13
CA LEU D 27 29.88 17.32 7.97
C LEU D 27 31.17 16.52 8.18
N MET D 28 32.14 17.15 8.83
CA MET D 28 33.42 16.49 9.11
C MET D 28 33.19 15.35 10.10
N ASP D 29 32.40 15.59 11.14
CA ASP D 29 32.12 14.56 12.14
C ASP D 29 31.38 13.36 11.51
N MET D 30 30.39 13.66 10.67
CA MET D 30 29.57 12.66 9.98
C MET D 30 30.41 11.86 9.00
N PHE D 31 31.00 12.55 8.04
CA PHE D 31 31.86 11.88 7.11
C PHE D 31 32.94 11.12 7.91
N ARG D 32 33.31 11.63 9.08
CA ARG D 32 34.33 10.99 9.92
C ARG D 32 33.91 9.62 10.45
N ASP D 33 32.62 9.49 10.74
CA ASP D 33 32.06 8.25 11.23
C ASP D 33 31.00 7.72 10.26
N ARG D 34 31.37 7.58 8.99
CA ARG D 34 30.45 7.09 7.96
C ARG D 34 30.27 5.60 8.12
N GLN D 35 31.20 4.99 8.85
CA GLN D 35 31.16 3.56 9.07
C GLN D 35 29.96 3.24 9.95
N ALA D 36 29.33 4.27 10.47
CA ALA D 36 28.16 4.12 11.30
C ALA D 36 26.94 4.13 10.39
N PHE D 37 27.19 4.17 9.08
CA PHE D 37 26.12 4.19 8.08
C PHE D 37 26.36 3.06 7.09
N SER D 38 25.28 2.50 6.56
CA SER D 38 25.38 1.44 5.56
C SER D 38 26.18 1.94 4.37
N GLU D 39 27.09 1.11 3.87
CA GLU D 39 27.94 1.47 2.74
C GLU D 39 27.08 1.98 1.60
N HIS D 40 25.94 1.31 1.43
CA HIS D 40 24.99 1.66 0.39
C HIS D 40 24.40 3.03 0.64
N THR D 41 24.04 3.31 1.89
CA THR D 41 23.46 4.60 2.24
C THR D 41 24.39 5.65 1.68
N TRP D 42 25.67 5.50 2.00
CA TRP D 42 26.63 6.46 1.52
C TRP D 42 26.68 6.46 0.02
N LYS D 43 26.62 5.26 -0.56
CA LYS D 43 26.68 5.12 -2.01
C LYS D 43 25.61 5.94 -2.68
N MET D 44 24.38 5.77 -2.22
CA MET D 44 23.23 6.47 -2.79
C MET D 44 23.37 7.96 -2.55
N LEU D 45 23.91 8.31 -1.39
CA LEU D 45 24.15 9.69 -1.03
C LEU D 45 24.98 10.36 -2.12
N LEU D 46 26.18 9.83 -2.32
CA LEU D 46 27.10 10.37 -3.30
C LEU D 46 26.51 10.29 -4.69
N SER D 47 25.57 9.37 -4.87
CA SER D 47 24.97 9.20 -6.19
C SER D 47 24.01 10.31 -6.46
N VAL D 48 23.11 10.50 -5.52
CA VAL D 48 22.08 11.52 -5.58
C VAL D 48 22.71 12.87 -5.76
N CYS D 49 23.64 13.20 -4.87
CA CYS D 49 24.35 14.46 -4.96
C CYS D 49 24.98 14.62 -6.32
N ARG D 50 25.67 13.60 -6.80
CA ARG D 50 26.27 13.68 -8.12
C ARG D 50 25.20 13.99 -9.16
N SER D 51 24.04 13.38 -9.00
CA SER D 51 22.98 13.64 -9.94
C SER D 51 22.55 15.07 -9.76
N TRP D 52 22.20 15.39 -8.52
CA TRP D 52 21.72 16.71 -8.16
C TRP D 52 22.68 17.80 -8.54
N ALA D 53 23.85 17.81 -7.91
CA ALA D 53 24.86 18.81 -8.19
C ALA D 53 25.04 18.97 -9.69
N ALA D 54 24.66 17.98 -10.47
CA ALA D 54 24.80 18.09 -11.92
C ALA D 54 23.75 19.05 -12.44
N TRP D 55 22.51 18.68 -12.19
CA TRP D 55 21.36 19.45 -12.60
C TRP D 55 21.50 20.91 -12.20
N CYS D 56 22.15 21.12 -11.07
CA CYS D 56 22.40 22.45 -10.54
C CYS D 56 23.36 23.14 -11.46
N LYS D 57 24.43 22.44 -11.78
CA LYS D 57 25.45 23.02 -12.63
C LYS D 57 24.81 23.39 -13.95
N LEU D 58 24.12 22.42 -14.51
CA LEU D 58 23.48 22.59 -15.79
C LEU D 58 22.53 23.76 -15.76
N ASN D 59 21.99 24.05 -14.59
CA ASN D 59 21.04 25.13 -14.45
C ASN D 59 21.60 26.33 -13.75
N ASN D 60 22.91 26.31 -13.52
CA ASN D 60 23.55 27.41 -12.85
C ASN D 60 22.83 27.76 -11.56
N ARG D 61 22.95 26.90 -10.56
CA ARG D 61 22.30 27.13 -9.27
C ARG D 61 23.24 26.64 -8.19
N LYS D 62 23.21 27.25 -7.01
CA LYS D 62 24.09 26.81 -5.94
C LYS D 62 23.53 25.48 -5.46
N TRP D 63 24.30 24.42 -5.64
CA TRP D 63 23.82 23.10 -5.27
C TRP D 63 23.62 22.87 -3.76
N PHE D 64 24.45 23.51 -2.94
CA PHE D 64 24.32 23.34 -1.49
C PHE D 64 24.68 24.62 -0.80
N PRO D 65 23.78 25.12 0.06
CA PRO D 65 22.47 24.57 0.42
C PRO D 65 21.39 24.72 -0.65
N ALA D 66 20.79 23.59 -1.04
CA ALA D 66 19.74 23.60 -2.05
C ALA D 66 18.64 24.56 -1.62
N GLU D 67 18.02 25.22 -2.58
CA GLU D 67 16.93 26.15 -2.33
C GLU D 67 15.74 25.32 -2.79
N PRO D 68 14.70 25.22 -1.94
CA PRO D 68 13.44 24.49 -2.12
C PRO D 68 12.90 24.56 -3.55
N GLU D 69 12.80 25.80 -4.02
CA GLU D 69 12.33 26.03 -5.37
C GLU D 69 13.18 25.21 -6.31
N ASP D 70 14.49 25.24 -6.10
CA ASP D 70 15.38 24.52 -6.96
C ASP D 70 15.21 23.02 -6.76
N VAL D 71 14.90 22.60 -5.53
CA VAL D 71 14.69 21.19 -5.29
C VAL D 71 13.42 20.69 -6.02
N ARG D 72 12.40 21.54 -6.06
CA ARG D 72 11.13 21.26 -6.74
C ARG D 72 11.31 20.95 -8.23
N ASP D 73 12.00 21.82 -8.94
CA ASP D 73 12.22 21.63 -10.37
C ASP D 73 13.01 20.39 -10.61
N TYR D 74 13.98 20.19 -9.73
CA TYR D 74 14.83 19.03 -9.87
C TYR D 74 13.98 17.79 -9.89
N LEU D 75 13.18 17.63 -8.84
CA LEU D 75 12.28 16.48 -8.67
C LEU D 75 11.27 16.36 -9.78
N LEU D 76 10.75 17.51 -10.20
CA LEU D 76 9.78 17.53 -11.28
C LEU D 76 10.48 17.08 -12.54
N TYR D 77 11.78 17.37 -12.59
CA TYR D 77 12.64 17.03 -13.72
C TYR D 77 12.93 15.54 -13.67
N LEU D 78 12.97 14.99 -12.47
CA LEU D 78 13.23 13.56 -12.34
C LEU D 78 11.96 12.85 -12.80
N GLN D 79 10.84 13.36 -12.33
CA GLN D 79 9.54 12.78 -12.67
C GLN D 79 9.27 12.73 -14.17
N ALA D 80 9.81 13.71 -14.90
CA ALA D 80 9.63 13.77 -16.33
C ALA D 80 10.56 12.81 -17.08
N ARG D 81 11.72 12.54 -16.50
CA ARG D 81 12.70 11.61 -17.10
C ARG D 81 12.19 10.17 -16.97
N GLY D 82 10.99 9.99 -16.42
CA GLY D 82 10.42 8.65 -16.28
C GLY D 82 10.72 7.88 -15.02
N LEU D 83 11.49 8.48 -14.12
CA LEU D 83 11.87 7.80 -12.91
C LEU D 83 10.64 7.42 -12.06
N ALA D 84 10.76 6.36 -11.25
CA ALA D 84 9.71 5.84 -10.41
C ALA D 84 9.66 6.55 -9.06
N VAL D 85 8.44 6.80 -8.59
CA VAL D 85 8.22 7.47 -7.31
C VAL D 85 9.25 7.18 -6.22
N LYS D 86 9.44 5.90 -5.93
CA LYS D 86 10.38 5.51 -4.90
C LYS D 86 11.75 6.11 -5.13
N THR D 87 12.22 6.10 -6.38
CA THR D 87 13.54 6.64 -6.63
C THR D 87 13.52 8.14 -6.32
N ILE D 88 12.49 8.83 -6.77
CA ILE D 88 12.43 10.25 -6.46
C ILE D 88 12.49 10.49 -4.94
N GLN D 89 11.70 9.73 -4.18
CA GLN D 89 11.71 9.90 -2.74
C GLN D 89 13.10 9.67 -2.18
N GLN D 90 13.92 8.95 -2.93
CA GLN D 90 15.28 8.69 -2.50
C GLN D 90 16.08 9.95 -2.73
N HIS D 91 16.04 10.43 -3.96
CA HIS D 91 16.78 11.62 -4.31
C HIS D 91 16.39 12.68 -3.28
N LEU D 92 15.09 12.83 -3.06
CA LEU D 92 14.64 13.81 -2.09
C LEU D 92 15.15 13.40 -0.72
N GLY D 93 15.08 12.11 -0.44
CA GLY D 93 15.54 11.62 0.85
C GLY D 93 17.00 11.93 1.16
N GLN D 94 17.88 11.68 0.20
CA GLN D 94 19.31 11.91 0.40
C GLN D 94 19.60 13.36 0.72
N LEU D 95 19.03 14.26 -0.09
CA LEU D 95 19.22 15.68 0.12
C LEU D 95 18.78 15.96 1.52
N ASN D 96 17.58 15.49 1.84
CA ASN D 96 17.01 15.73 3.16
C ASN D 96 17.99 15.40 4.27
N MET D 97 18.74 14.31 4.11
CA MET D 97 19.71 13.89 5.13
C MET D 97 20.97 14.73 5.06
N LEU D 98 21.39 15.09 3.86
CA LEU D 98 22.58 15.91 3.73
C LEU D 98 22.44 17.23 4.50
N HIS D 99 21.26 17.82 4.50
CA HIS D 99 21.01 19.09 5.20
C HIS D 99 20.76 18.91 6.71
N ARG D 100 19.87 17.99 7.07
CA ARG D 100 19.55 17.74 8.46
C ARG D 100 20.78 17.39 9.28
N ARG D 101 21.56 16.46 8.74
CA ARG D 101 22.77 16.03 9.44
C ARG D 101 23.88 17.05 9.28
N SER D 102 23.50 18.27 8.92
CA SER D 102 24.44 19.37 8.74
C SER D 102 23.92 20.60 9.49
N GLY D 103 23.03 20.38 10.45
CA GLY D 103 22.45 21.48 11.21
C GLY D 103 21.37 22.20 10.41
N LEU D 104 21.63 22.39 9.13
CA LEU D 104 20.72 23.05 8.22
C LEU D 104 19.35 22.40 8.21
N PRO D 105 18.33 23.10 7.69
CA PRO D 105 16.97 22.56 7.61
C PRO D 105 16.79 21.86 6.25
N ARG D 106 15.99 20.81 6.25
CA ARG D 106 15.71 19.99 5.06
C ARG D 106 14.74 20.59 4.03
N PRO D 107 14.91 20.23 2.75
CA PRO D 107 14.01 20.76 1.71
C PRO D 107 12.57 20.30 1.88
N SER D 108 12.36 19.18 2.57
CA SER D 108 11.03 18.65 2.78
C SER D 108 10.31 19.50 3.80
N ASP D 109 11.10 20.34 4.47
CA ASP D 109 10.56 21.23 5.47
C ASP D 109 10.01 22.49 4.77
N SER D 110 9.77 22.39 3.47
CA SER D 110 9.23 23.50 2.69
C SER D 110 7.97 23.07 1.99
N ASN D 111 6.95 23.91 2.05
CA ASN D 111 5.72 23.57 1.39
C ASN D 111 5.94 23.27 -0.08
N ALA D 112 6.88 23.96 -0.71
CA ALA D 112 7.10 23.70 -2.14
C ALA D 112 7.57 22.28 -2.40
N VAL D 113 8.57 21.82 -1.63
CA VAL D 113 9.08 20.46 -1.80
C VAL D 113 8.07 19.43 -1.32
N SER D 114 7.69 19.54 -0.05
CA SER D 114 6.72 18.63 0.55
C SER D 114 5.51 18.47 -0.35
N LEU D 115 5.05 19.56 -0.93
CA LEU D 115 3.88 19.47 -1.76
C LEU D 115 4.17 18.99 -3.14
N VAL D 116 5.33 19.34 -3.69
CA VAL D 116 5.54 18.86 -5.04
C VAL D 116 5.59 17.36 -4.92
N MET D 117 6.30 16.87 -3.91
CA MET D 117 6.45 15.44 -3.71
C MET D 117 5.12 14.67 -3.73
N ARG D 118 4.13 15.14 -2.98
CA ARG D 118 2.83 14.48 -2.97
C ARG D 118 2.17 14.53 -4.33
N ARG D 119 2.08 15.72 -4.88
CA ARG D 119 1.48 15.91 -6.20
C ARG D 119 2.04 14.86 -7.14
N ILE D 120 3.37 14.76 -7.14
CA ILE D 120 4.11 13.83 -7.99
C ILE D 120 3.71 12.41 -7.69
N ARG D 121 3.86 12.00 -6.44
CA ARG D 121 3.51 10.64 -6.05
C ARG D 121 2.06 10.37 -6.45
N LYS D 122 1.19 11.36 -6.33
CA LYS D 122 -0.21 11.17 -6.68
C LYS D 122 -0.38 11.14 -8.18
N GLU D 123 0.46 11.90 -8.87
CA GLU D 123 0.40 11.95 -10.33
C GLU D 123 0.80 10.60 -10.92
N ASN D 124 1.88 10.01 -10.44
CA ASN D 124 2.39 8.73 -10.96
C ASN D 124 1.50 7.55 -10.66
N VAL D 125 1.14 7.44 -9.39
CA VAL D 125 0.26 6.38 -8.92
C VAL D 125 -1.07 6.46 -9.69
N ASP D 126 -1.64 7.66 -9.80
CA ASP D 126 -2.89 7.84 -10.52
C ASP D 126 -2.79 7.31 -11.95
N ALA D 127 -1.59 7.38 -12.52
CA ALA D 127 -1.35 6.88 -13.88
C ALA D 127 -1.09 5.39 -13.87
N GLY D 128 -1.02 4.81 -12.69
CA GLY D 128 -0.83 3.37 -12.61
C GLY D 128 0.53 2.88 -12.20
N GLU D 129 1.40 3.78 -11.77
CA GLU D 129 2.72 3.36 -11.35
C GLU D 129 2.59 2.46 -10.14
N ARG D 130 3.39 1.40 -10.09
CA ARG D 130 3.33 0.49 -8.96
C ARG D 130 4.71 -0.04 -8.57
N ALA D 131 4.92 -0.21 -7.27
CA ALA D 131 6.20 -0.69 -6.78
C ALA D 131 6.24 -2.19 -6.98
N LYS D 132 6.90 -2.64 -8.05
CA LYS D 132 7.00 -4.07 -8.33
C LYS D 132 7.58 -4.95 -7.21
N GLN D 133 7.56 -6.26 -7.45
CA GLN D 133 8.04 -7.26 -6.51
C GLN D 133 8.80 -8.32 -7.33
N ALA D 134 9.87 -8.87 -6.79
CA ALA D 134 10.64 -9.87 -7.53
C ALA D 134 9.75 -11.03 -8.00
N LEU D 135 10.09 -11.59 -9.16
CA LEU D 135 9.37 -12.71 -9.72
C LEU D 135 9.63 -13.87 -8.76
N ALA D 136 8.56 -14.48 -8.24
CA ALA D 136 8.70 -15.55 -7.25
C ALA D 136 9.35 -16.87 -7.68
N PHE D 137 10.03 -17.49 -6.71
CA PHE D 137 10.71 -18.76 -6.89
C PHE D 137 10.12 -19.63 -5.78
N GLU D 138 8.99 -20.25 -6.08
CA GLU D 138 8.26 -21.07 -5.14
C GLU D 138 8.73 -22.51 -5.12
N ARG D 139 8.20 -23.27 -4.18
CA ARG D 139 8.60 -24.66 -4.02
C ARG D 139 8.62 -25.44 -5.32
N THR D 140 7.63 -25.23 -6.18
CA THR D 140 7.59 -25.96 -7.43
C THR D 140 8.85 -25.68 -8.23
N ASP D 141 9.24 -24.42 -8.29
CA ASP D 141 10.41 -24.05 -9.04
C ASP D 141 11.60 -24.75 -8.45
N PHE D 142 11.74 -24.65 -7.13
CA PHE D 142 12.87 -25.28 -6.47
C PHE D 142 13.01 -26.73 -6.89
N ASP D 143 11.97 -27.50 -6.61
CA ASP D 143 11.91 -28.92 -6.91
C ASP D 143 12.14 -29.18 -8.36
N GLN D 144 11.54 -28.34 -9.19
CA GLN D 144 11.71 -28.53 -10.62
C GLN D 144 13.19 -28.31 -10.91
N VAL D 145 13.76 -27.32 -10.26
CA VAL D 145 15.15 -26.98 -10.47
C VAL D 145 16.04 -28.10 -9.90
N ARG D 146 15.76 -28.51 -8.67
CA ARG D 146 16.53 -29.56 -8.01
C ARG D 146 16.55 -30.82 -8.86
N SER D 147 15.36 -31.37 -9.07
CA SER D 147 15.15 -32.59 -9.88
C SER D 147 16.05 -32.68 -11.11
N LEU D 148 16.33 -31.52 -11.69
CA LEU D 148 17.16 -31.39 -12.88
C LEU D 148 18.67 -31.41 -12.65
N MET D 149 19.17 -30.47 -11.85
CA MET D 149 20.59 -30.37 -11.64
C MET D 149 21.10 -31.23 -10.54
N GLU D 150 20.20 -31.85 -9.80
CA GLU D 150 20.64 -32.73 -8.74
C GLU D 150 21.56 -33.83 -9.26
N ASN D 151 21.25 -34.40 -10.43
CA ASN D 151 22.06 -35.48 -10.99
C ASN D 151 23.35 -35.00 -11.68
N SER D 152 23.72 -33.75 -11.46
CA SER D 152 24.92 -33.18 -12.09
C SER D 152 26.15 -33.12 -11.21
N ASP D 153 27.27 -33.57 -11.76
CA ASP D 153 28.53 -33.60 -11.05
C ASP D 153 29.27 -32.29 -11.23
N ARG D 154 28.84 -31.47 -12.20
CA ARG D 154 29.45 -30.16 -12.48
C ARG D 154 29.47 -29.38 -11.20
N CYS D 155 30.67 -28.94 -10.85
CA CYS D 155 30.93 -28.20 -9.63
C CYS D 155 30.14 -26.89 -9.51
N GLN D 156 29.93 -26.22 -10.64
CA GLN D 156 29.16 -24.98 -10.59
C GLN D 156 27.70 -25.30 -10.28
N ASP D 157 27.26 -26.48 -10.72
CA ASP D 157 25.89 -26.95 -10.54
C ASP D 157 25.60 -27.35 -9.12
N ILE D 158 26.55 -28.00 -8.49
CA ILE D 158 26.40 -28.42 -7.11
C ILE D 158 26.26 -27.21 -6.18
N ARG D 159 26.90 -26.10 -6.52
CA ARG D 159 26.83 -24.91 -5.68
C ARG D 159 25.48 -24.21 -5.83
N ASN D 160 25.19 -23.77 -7.05
CA ASN D 160 23.94 -23.09 -7.32
C ASN D 160 22.76 -23.80 -6.68
N LEU D 161 22.76 -25.11 -6.79
CA LEU D 161 21.65 -25.85 -6.19
C LEU D 161 21.72 -25.70 -4.70
N ALA D 162 22.92 -25.66 -4.14
CA ALA D 162 23.09 -25.50 -2.71
C ALA D 162 22.52 -24.16 -2.31
N PHE D 163 23.00 -23.14 -3.01
CA PHE D 163 22.57 -21.76 -2.80
C PHE D 163 21.06 -21.67 -2.82
N LEU D 164 20.47 -21.99 -3.97
CA LEU D 164 19.02 -21.93 -4.11
C LEU D 164 18.33 -22.71 -3.00
N GLY D 165 19.00 -23.70 -2.44
CA GLY D 165 18.39 -24.46 -1.37
C GLY D 165 18.37 -23.66 -0.08
N ILE D 166 19.52 -23.06 0.26
CA ILE D 166 19.62 -22.26 1.46
C ILE D 166 18.71 -21.06 1.26
N ALA D 167 18.79 -20.50 0.07
CA ALA D 167 17.98 -19.34 -0.26
C ALA D 167 16.58 -19.59 0.23
N TYR D 168 15.85 -20.42 -0.51
CA TYR D 168 14.46 -20.80 -0.21
C TYR D 168 14.22 -21.19 1.24
N ASN D 169 15.01 -22.15 1.69
CA ASN D 169 14.90 -22.66 3.03
C ASN D 169 14.91 -21.57 4.06
N THR D 170 15.97 -20.78 4.06
CA THR D 170 16.17 -19.71 5.03
C THR D 170 15.53 -18.36 4.73
N LEU D 171 15.09 -18.14 3.49
CA LEU D 171 14.50 -16.86 3.08
C LEU D 171 15.45 -15.70 3.29
N LEU D 172 16.71 -16.02 3.59
CA LEU D 172 17.75 -15.02 3.83
C LEU D 172 18.03 -14.13 2.63
N ARG D 173 18.22 -12.84 2.88
CA ARG D 173 18.55 -11.93 1.80
C ARG D 173 19.90 -12.43 1.29
N ILE D 174 20.22 -12.15 0.04
CA ILE D 174 21.47 -12.62 -0.54
C ILE D 174 22.76 -12.15 0.14
N ALA D 175 22.85 -10.89 0.52
CA ALA D 175 24.08 -10.44 1.20
C ALA D 175 24.26 -11.19 2.51
N GLU D 176 23.15 -11.62 3.10
CA GLU D 176 23.21 -12.35 4.37
C GLU D 176 23.70 -13.75 4.13
N ILE D 177 23.44 -14.25 2.93
CA ILE D 177 23.86 -15.57 2.58
C ILE D 177 25.35 -15.51 2.28
N ALA D 178 25.76 -14.54 1.48
CA ALA D 178 27.16 -14.44 1.09
C ALA D 178 28.15 -14.30 2.26
N ARG D 179 27.63 -14.06 3.47
CA ARG D 179 28.47 -13.89 4.65
C ARG D 179 28.53 -15.12 5.56
N ILE D 180 27.77 -16.16 5.22
CA ILE D 180 27.76 -17.37 6.03
C ILE D 180 29.11 -18.04 6.17
N ARG D 181 29.69 -17.95 7.37
CA ARG D 181 30.98 -18.57 7.59
C ARG D 181 30.88 -20.08 7.76
N VAL D 182 31.86 -20.77 7.21
CA VAL D 182 31.87 -22.22 7.30
C VAL D 182 31.78 -22.49 8.80
N LYS D 183 32.35 -21.58 9.58
CA LYS D 183 32.35 -21.69 11.03
C LYS D 183 30.93 -21.51 11.54
N ASP D 184 30.12 -20.76 10.78
CA ASP D 184 28.74 -20.49 11.15
C ASP D 184 27.86 -21.71 11.06
N ILE D 185 28.30 -22.67 10.24
CA ILE D 185 27.55 -23.90 10.04
C ILE D 185 27.57 -24.80 11.27
N SER D 186 26.41 -25.33 11.62
CA SER D 186 26.26 -26.19 12.78
C SER D 186 25.11 -27.17 12.53
N ARG D 187 25.27 -28.43 12.90
CA ARG D 187 24.23 -29.43 12.69
C ARG D 187 23.47 -29.69 13.99
N THR D 188 22.19 -30.03 13.88
CA THR D 188 21.35 -30.31 15.03
C THR D 188 21.67 -31.75 15.44
N ASP D 189 21.04 -32.25 16.50
CA ASP D 189 21.31 -33.63 16.93
C ASP D 189 20.49 -34.59 16.08
N GLY D 190 19.56 -34.03 15.32
CA GLY D 190 18.71 -34.80 14.44
C GLY D 190 19.36 -34.89 13.07
N GLY D 191 20.45 -34.13 12.87
CA GLY D 191 21.17 -34.16 11.61
C GLY D 191 21.21 -32.86 10.80
N ARG D 192 20.05 -32.22 10.70
CA ARG D 192 19.86 -30.98 9.98
C ARG D 192 20.92 -29.93 10.25
N MET D 193 21.30 -29.20 9.21
CA MET D 193 22.30 -28.18 9.38
C MET D 193 21.66 -26.96 9.98
N LEU D 194 22.51 -26.05 10.41
CA LEU D 194 22.05 -24.81 11.02
C LEU D 194 23.05 -23.73 10.71
N ILE D 195 22.55 -22.58 10.31
CA ILE D 195 23.42 -21.49 9.98
C ILE D 195 23.20 -20.36 10.97
N HIS D 196 24.28 -19.81 11.52
CA HIS D 196 24.09 -18.72 12.46
C HIS D 196 24.27 -17.40 11.75
N ILE D 197 23.39 -16.47 12.07
CA ILE D 197 23.45 -15.17 11.46
C ILE D 197 23.39 -14.09 12.51
N GLY D 198 24.42 -13.23 12.49
CA GLY D 198 24.51 -12.12 13.43
C GLY D 198 24.07 -10.83 12.78
N ARG D 199 24.69 -10.50 11.65
CA ARG D 199 24.35 -9.27 10.96
C ARG D 199 23.30 -9.53 9.89
N THR D 200 22.44 -8.55 9.68
CA THR D 200 21.41 -8.65 8.67
C THR D 200 20.78 -7.28 8.49
N LYS D 201 20.41 -6.95 7.25
CA LYS D 201 19.78 -5.66 6.97
C LYS D 201 19.08 -5.06 8.18
N THR D 202 18.02 -5.73 8.64
CA THR D 202 17.22 -5.25 9.76
C THR D 202 17.75 -5.50 11.17
N LEU D 203 18.70 -6.43 11.31
CA LEU D 203 19.23 -6.76 12.63
C LEU D 203 20.75 -6.82 12.74
N VAL D 204 21.31 -5.98 13.62
CA VAL D 204 22.75 -5.97 13.84
C VAL D 204 22.94 -6.50 15.27
N SER D 205 23.03 -7.82 15.41
CA SER D 205 23.17 -8.44 16.71
C SER D 205 24.31 -9.45 16.88
N THR D 206 24.81 -9.52 18.12
CA THR D 206 25.89 -10.42 18.51
C THR D 206 25.28 -11.76 18.91
N ALA D 207 23.96 -11.79 18.96
CA ALA D 207 23.23 -13.00 19.28
C ALA D 207 22.62 -13.46 17.96
N GLY D 208 22.03 -12.52 17.23
CA GLY D 208 21.41 -12.83 15.95
C GLY D 208 20.48 -14.03 16.01
N VAL D 209 20.30 -14.70 14.87
CA VAL D 209 19.44 -15.89 14.80
C VAL D 209 20.10 -17.01 14.02
N GLU D 210 19.58 -18.23 14.20
CA GLU D 210 20.08 -19.40 13.50
C GLU D 210 18.97 -19.99 12.67
N LYS D 211 19.32 -20.43 11.47
CA LYS D 211 18.32 -21.00 10.61
C LYS D 211 18.58 -22.48 10.38
N ALA D 212 17.56 -23.29 10.62
CA ALA D 212 17.64 -24.73 10.42
C ALA D 212 17.34 -25.07 8.96
N LEU D 213 18.08 -26.03 8.42
CA LEU D 213 17.88 -26.49 7.05
C LEU D 213 17.14 -27.81 7.06
N SER D 214 16.29 -28.02 6.06
CA SER D 214 15.55 -29.28 5.96
C SER D 214 16.55 -30.40 5.74
N LEU D 215 16.25 -31.61 6.19
CA LEU D 215 17.18 -32.71 6.01
C LEU D 215 17.75 -32.77 4.57
N GLY D 216 16.89 -32.55 3.59
CA GLY D 216 17.32 -32.56 2.20
C GLY D 216 18.23 -31.43 1.75
N VAL D 217 17.91 -30.21 2.14
CA VAL D 217 18.73 -29.08 1.73
C VAL D 217 20.10 -29.20 2.37
N THR D 218 20.18 -29.84 3.53
CA THR D 218 21.46 -29.96 4.21
C THR D 218 22.29 -30.94 3.44
N LYS D 219 21.62 -31.89 2.81
CA LYS D 219 22.32 -32.88 2.00
C LYS D 219 22.96 -32.05 0.90
N LEU D 220 22.13 -31.26 0.23
CA LEU D 220 22.59 -30.37 -0.85
C LEU D 220 23.82 -29.56 -0.43
N VAL D 221 23.71 -28.92 0.73
CA VAL D 221 24.79 -28.10 1.27
C VAL D 221 26.06 -28.92 1.55
N GLU D 222 25.87 -30.13 2.05
CA GLU D 222 27.01 -30.99 2.35
C GLU D 222 27.74 -31.39 1.07
N ARG D 223 26.99 -31.70 0.02
CA ARG D 223 27.60 -32.09 -1.23
C ARG D 223 28.50 -31.00 -1.75
N TRP D 224 28.07 -29.76 -1.55
CA TRP D 224 28.84 -28.64 -2.05
C TRP D 224 30.15 -28.47 -1.31
N ILE D 225 30.09 -28.49 0.02
CA ILE D 225 31.28 -28.34 0.85
C ILE D 225 32.38 -29.29 0.49
N SER D 226 32.03 -30.56 0.36
CA SER D 226 33.00 -31.57 0.03
C SER D 226 33.69 -31.15 -1.24
N VAL D 227 32.90 -31.10 -2.29
CA VAL D 227 33.44 -30.75 -3.58
C VAL D 227 34.10 -29.36 -3.65
N SER D 228 33.76 -28.46 -2.73
CA SER D 228 34.34 -27.12 -2.75
C SER D 228 35.63 -27.00 -1.98
N GLY D 229 35.71 -27.70 -0.84
CA GLY D 229 36.90 -27.63 -0.01
C GLY D 229 36.84 -26.40 0.88
N VAL D 230 35.64 -25.85 1.04
CA VAL D 230 35.45 -24.65 1.86
C VAL D 230 35.71 -24.94 3.36
N ALA D 231 35.78 -26.24 3.69
CA ALA D 231 35.99 -26.71 5.07
C ALA D 231 37.43 -26.84 5.55
N ASP D 232 38.38 -26.53 4.66
CA ASP D 232 39.81 -26.56 4.96
C ASP D 232 40.13 -25.45 5.96
N ASP D 233 39.14 -24.57 6.16
CA ASP D 233 39.25 -23.43 7.07
C ASP D 233 37.87 -22.99 7.56
N PRO D 234 37.70 -22.86 8.88
CA PRO D 234 36.44 -22.45 9.50
C PRO D 234 35.97 -21.05 9.08
N ASN D 235 36.90 -20.13 8.94
CA ASN D 235 36.54 -18.76 8.55
C ASN D 235 36.42 -18.58 7.04
N ASN D 236 36.43 -19.68 6.31
CA ASN D 236 36.28 -19.65 4.85
C ASN D 236 34.79 -19.37 4.55
N TYR D 237 34.53 -18.55 3.54
CA TYR D 237 33.15 -18.26 3.18
C TYR D 237 32.52 -19.52 2.60
N LEU D 238 31.31 -19.81 3.05
CA LEU D 238 30.57 -20.97 2.60
C LEU D 238 30.42 -20.95 1.07
N PHE D 239 30.07 -19.82 0.52
CA PHE D 239 29.94 -19.75 -0.91
C PHE D 239 31.14 -19.02 -1.45
N CYS D 240 31.80 -19.67 -2.38
CA CYS D 240 32.95 -19.09 -3.02
C CYS D 240 32.67 -19.14 -4.52
N ARG D 241 33.58 -18.60 -5.30
CA ARG D 241 33.37 -18.58 -6.74
C ARG D 241 33.93 -19.85 -7.36
N VAL D 242 33.50 -20.13 -8.57
CA VAL D 242 33.94 -21.32 -9.29
C VAL D 242 34.34 -20.96 -10.70
N ARG D 243 35.51 -21.41 -11.10
CA ARG D 243 36.01 -21.06 -12.42
C ARG D 243 35.62 -22.05 -13.49
N LYS D 244 35.82 -21.64 -14.74
CA LYS D 244 35.46 -22.46 -15.87
C LYS D 244 35.94 -23.92 -15.72
N ASN D 245 37.17 -24.12 -15.26
CA ASN D 245 37.67 -25.49 -15.09
C ASN D 245 36.96 -26.18 -13.94
N GLY D 246 35.86 -25.58 -13.51
CA GLY D 246 35.10 -26.16 -12.42
C GLY D 246 35.88 -26.28 -11.13
N VAL D 247 36.82 -25.37 -10.89
CA VAL D 247 37.59 -25.42 -9.64
C VAL D 247 37.14 -24.24 -8.79
N ALA D 248 36.72 -24.58 -7.57
CA ALA D 248 36.24 -23.61 -6.58
C ALA D 248 37.40 -22.74 -6.09
N ALA D 249 37.12 -21.89 -5.12
CA ALA D 249 38.15 -20.99 -4.60
C ALA D 249 37.86 -20.43 -3.21
N PRO D 250 37.79 -21.30 -2.18
CA PRO D 250 37.50 -20.82 -0.82
C PRO D 250 38.34 -19.61 -0.43
N SER D 251 37.70 -18.70 0.30
CA SER D 251 38.40 -17.51 0.77
C SER D 251 37.68 -17.04 2.01
N ALA D 252 38.42 -16.46 2.94
CA ALA D 252 37.80 -15.92 4.17
C ALA D 252 37.93 -14.40 4.17
N THR D 253 38.36 -13.86 3.04
CA THR D 253 38.55 -12.42 2.91
C THR D 253 37.67 -11.87 1.80
N SER D 254 37.39 -12.68 0.79
CA SER D 254 36.57 -12.22 -0.30
C SER D 254 35.38 -13.14 -0.44
N GLN D 255 34.19 -12.57 -0.32
CA GLN D 255 33.00 -13.37 -0.46
C GLN D 255 32.53 -13.23 -1.88
N LEU D 256 31.77 -14.20 -2.33
CA LEU D 256 31.27 -14.14 -3.68
C LEU D 256 30.31 -12.95 -3.81
N SER D 257 30.48 -12.16 -4.86
CA SER D 257 29.63 -10.98 -5.09
C SER D 257 28.14 -11.28 -5.14
N THR D 258 27.34 -10.42 -4.51
CA THR D 258 25.88 -10.57 -4.46
C THR D 258 25.37 -10.43 -5.88
N ARG D 259 26.13 -9.72 -6.69
CA ARG D 259 25.79 -9.54 -8.08
C ARG D 259 25.81 -10.94 -8.69
N ALA D 260 26.76 -11.76 -8.23
CA ALA D 260 26.91 -13.13 -8.72
C ALA D 260 25.74 -13.99 -8.28
N LEU D 261 25.37 -13.89 -7.01
CA LEU D 261 24.25 -14.66 -6.49
C LEU D 261 23.01 -14.38 -7.32
N GLU D 262 22.78 -13.11 -7.61
CA GLU D 262 21.62 -12.70 -8.41
C GLU D 262 21.78 -13.37 -9.76
N GLY D 263 23.05 -13.66 -10.09
CA GLY D 263 23.39 -14.30 -11.35
C GLY D 263 22.97 -15.74 -11.33
N ILE D 264 23.15 -16.41 -10.19
CA ILE D 264 22.73 -17.80 -10.09
C ILE D 264 21.24 -17.84 -10.45
N PHE D 265 20.48 -16.90 -9.88
CA PHE D 265 19.03 -16.82 -10.12
C PHE D 265 18.58 -16.55 -11.55
N GLU D 266 19.40 -15.84 -12.32
CA GLU D 266 19.05 -15.54 -13.70
C GLU D 266 19.34 -16.75 -14.56
N ALA D 267 20.49 -17.38 -14.34
CA ALA D 267 20.92 -18.57 -15.07
C ALA D 267 19.94 -19.73 -14.88
N THR D 268 19.70 -20.10 -13.63
CA THR D 268 18.77 -21.18 -13.30
C THR D 268 17.43 -20.90 -13.98
N HIS D 269 17.06 -19.64 -14.05
CA HIS D 269 15.81 -19.33 -14.68
C HIS D 269 15.88 -19.53 -16.20
N ARG D 270 16.90 -18.93 -16.79
CA ARG D 270 17.16 -19.00 -18.22
C ARG D 270 17.21 -20.45 -18.67
N LEU D 271 17.70 -21.30 -17.78
CA LEU D 271 17.86 -22.71 -18.09
C LEU D 271 16.50 -23.37 -18.20
N ILE D 272 15.64 -23.11 -17.23
CA ILE D 272 14.31 -23.70 -17.28
C ILE D 272 13.37 -23.00 -18.24
N TYR D 273 13.45 -21.67 -18.30
CA TYR D 273 12.54 -20.91 -19.13
C TYR D 273 13.06 -20.19 -20.34
N GLY D 274 14.32 -20.38 -20.68
CA GLY D 274 14.82 -19.72 -21.87
C GLY D 274 15.31 -18.30 -21.60
N ALA D 275 15.75 -17.63 -22.66
CA ALA D 275 16.28 -16.27 -22.57
C ALA D 275 15.25 -15.17 -22.34
N LYS D 276 15.67 -14.15 -21.58
CA LYS D 276 14.82 -13.00 -21.22
C LYS D 276 14.15 -12.39 -22.42
N ASP D 277 13.13 -11.59 -22.13
CA ASP D 277 12.42 -10.92 -23.17
C ASP D 277 13.43 -10.03 -23.86
N ASP D 278 13.03 -9.50 -25.00
CA ASP D 278 13.94 -8.64 -25.74
C ASP D 278 13.75 -7.23 -25.22
N SER D 279 12.56 -6.94 -24.69
CA SER D 279 12.24 -5.61 -24.19
C SER D 279 13.31 -4.99 -23.32
N GLY D 280 13.30 -5.30 -22.03
CA GLY D 280 14.30 -4.73 -21.13
C GLY D 280 13.74 -4.46 -19.75
N GLN D 281 12.47 -4.81 -19.55
CA GLN D 281 11.81 -4.58 -18.27
C GLN D 281 12.52 -5.24 -17.09
N ARG D 282 11.90 -5.20 -15.93
CA ARG D 282 12.53 -5.77 -14.75
C ARG D 282 11.72 -6.93 -14.18
N TYR D 283 12.43 -7.86 -13.55
CA TYR D 283 11.81 -9.03 -12.93
C TYR D 283 11.25 -10.00 -13.96
N LEU D 284 11.84 -10.01 -15.15
CA LEU D 284 11.40 -10.93 -16.18
C LEU D 284 12.11 -12.27 -15.93
N ALA D 285 12.81 -12.36 -14.79
CA ALA D 285 13.55 -13.54 -14.39
C ALA D 285 13.80 -13.52 -12.88
N TRP D 286 14.26 -14.64 -12.32
CA TRP D 286 14.52 -14.71 -10.89
C TRP D 286 15.71 -13.84 -10.50
N SER D 287 15.64 -13.33 -9.28
CA SER D 287 16.66 -12.45 -8.75
C SER D 287 16.89 -12.72 -7.25
N GLY D 288 17.91 -12.09 -6.71
CA GLY D 288 18.25 -12.28 -5.32
C GLY D 288 17.11 -12.30 -4.31
N HIS D 289 15.92 -11.81 -4.67
CA HIS D 289 14.83 -11.83 -3.68
C HIS D 289 13.73 -12.84 -3.97
N SER D 290 13.76 -13.42 -5.16
CA SER D 290 12.76 -14.39 -5.55
C SER D 290 12.45 -15.44 -4.50
N ALA D 291 13.47 -16.05 -3.91
CA ALA D 291 13.24 -17.11 -2.92
C ALA D 291 12.58 -16.61 -1.64
N ARG D 292 12.91 -15.40 -1.25
CA ARG D 292 12.32 -14.78 -0.09
C ARG D 292 10.81 -14.60 -0.36
N VAL D 293 10.46 -13.75 -1.33
CA VAL D 293 9.04 -13.52 -1.62
C VAL D 293 8.29 -14.84 -1.91
N GLY D 294 8.90 -15.72 -2.69
CA GLY D 294 8.30 -17.01 -3.01
C GLY D 294 8.07 -17.89 -1.77
N ALA D 295 9.13 -18.19 -1.01
CA ALA D 295 8.98 -19.00 0.20
C ALA D 295 7.82 -18.44 1.01
N ALA D 296 7.88 -17.12 1.27
CA ALA D 296 6.86 -16.38 2.03
C ALA D 296 5.44 -16.76 1.64
N ARG D 297 5.14 -16.58 0.36
CA ARG D 297 3.84 -16.90 -0.17
C ARG D 297 3.50 -18.35 0.18
N ASP D 298 4.30 -19.26 -0.34
CA ASP D 298 4.12 -20.70 -0.11
C ASP D 298 3.73 -21.03 1.33
N MET D 299 4.28 -20.26 2.27
CA MET D 299 4.06 -20.42 3.70
C MET D 299 2.65 -20.03 4.12
N ALA D 300 2.20 -18.89 3.66
CA ALA D 300 0.89 -18.40 3.99
C ALA D 300 -0.15 -19.26 3.29
N ARG D 301 0.11 -19.60 2.03
CA ARG D 301 -0.84 -20.41 1.26
C ARG D 301 -0.97 -21.77 1.93
N ALA D 302 -0.08 -22.04 2.88
CA ALA D 302 -0.07 -23.31 3.60
C ALA D 302 -0.72 -23.06 4.92
N GLY D 303 -1.21 -21.85 5.07
CA GLY D 303 -1.85 -21.49 6.30
C GLY D 303 -0.91 -21.64 7.45
N VAL D 304 0.31 -21.14 7.32
CA VAL D 304 1.24 -21.18 8.47
C VAL D 304 0.96 -20.00 9.39
N SER D 305 1.26 -20.17 10.67
CA SER D 305 1.02 -19.13 11.64
C SER D 305 1.78 -17.86 11.29
N ILE D 306 1.10 -16.74 11.51
CA ILE D 306 1.69 -15.45 11.24
C ILE D 306 3.02 -15.30 11.97
N PRO D 307 3.02 -15.51 13.29
CA PRO D 307 4.28 -15.37 13.99
C PRO D 307 5.32 -16.32 13.43
N GLU D 308 4.85 -17.45 12.89
CA GLU D 308 5.78 -18.42 12.32
C GLU D 308 6.38 -17.80 11.07
N ILE D 309 5.54 -17.18 10.27
CA ILE D 309 6.00 -16.51 9.07
C ILE D 309 7.00 -15.44 9.42
N MET D 310 6.63 -14.58 10.37
CA MET D 310 7.53 -13.52 10.78
C MET D 310 8.80 -14.13 11.36
N GLN D 311 8.66 -15.28 12.00
CA GLN D 311 9.82 -15.97 12.59
C GLN D 311 10.81 -16.32 11.47
N ALA D 312 10.24 -16.70 10.32
CA ALA D 312 10.98 -17.11 9.13
C ALA D 312 11.72 -15.98 8.40
N GLY D 313 11.02 -14.89 8.18
CA GLY D 313 11.64 -13.80 7.47
C GLY D 313 12.19 -12.83 8.47
N GLY D 314 11.69 -12.94 9.69
CA GLY D 314 12.13 -12.04 10.72
C GLY D 314 11.26 -10.81 10.69
#